data_6SLZ
#
_entry.id   6SLZ
#
_cell.length_a   125.670
_cell.length_b   56.330
_cell.length_c   80.920
_cell.angle_alpha   90.000
_cell.angle_beta   124.760
_cell.angle_gamma   90.000
#
_symmetry.space_group_name_H-M   'C 1 2 1'
#
loop_
_entity.id
_entity.type
_entity.pdbx_description
1 polymer 'Nuclear receptor ROR-gamma'
2 non-polymer (2~{S})-1-[2,4-bis(chloranyl)-3-[[2-methyl-4-(trifluoromethyl)quinolin-8-yl]oxymethyl]phenyl]carbonyl-~{N}-methyl-pyrrolidine-2-carboxamide
3 water water
#
_entity_poly.entity_id   1
_entity_poly.type   'polypeptide(L)'
_entity_poly.pdbx_seq_one_letter_code
;GSHMASLTEIEHLVQSVCKSYRETCQLRLEDLLRQRSNIFSREEVTGYQRKSMWEMWERCAHHLTEAIQYVVEFAKRLSG
FMELCQNDQIVLLKAGAMEVVLVRMCRAYNADNRTVFFEGKYGGMELFRALGCSELISSIFDFSHSLSALHFSEDEIALY
TALVLINAHRPGLQEKRKVEQLQYNLELAFHHHLCKTHRQSILAKLPPKGKLRSLCSQHVERLQIFQHLHPIVVQAAFPP
LYKELFS
;
_entity_poly.pdbx_strand_id   A,B
#
# COMPACT_ATOMS: atom_id res chain seq x y z
N GLU A 9 -26.73 -22.92 -10.91
CA GLU A 9 -25.95 -24.19 -11.12
C GLU A 9 -24.50 -23.98 -10.66
N ILE A 10 -24.10 -24.75 -9.65
CA ILE A 10 -22.70 -24.79 -9.15
C ILE A 10 -21.75 -24.94 -10.36
N GLU A 11 -22.19 -25.69 -11.37
CA GLU A 11 -21.35 -26.08 -12.55
C GLU A 11 -21.02 -24.84 -13.39
N HIS A 12 -21.92 -23.86 -13.46
CA HIS A 12 -21.70 -22.58 -14.20
C HIS A 12 -20.57 -21.82 -13.50
N LEU A 13 -20.75 -21.58 -12.20
CA LEU A 13 -19.77 -20.92 -11.30
C LEU A 13 -18.39 -21.59 -11.41
N VAL A 14 -18.33 -22.91 -11.40
CA VAL A 14 -17.03 -23.65 -11.47
C VAL A 14 -16.36 -23.27 -12.78
N GLN A 15 -17.10 -23.35 -13.88
CA GLN A 15 -16.58 -23.13 -15.24
C GLN A 15 -16.18 -21.66 -15.38
N SER A 16 -16.87 -20.76 -14.67
CA SER A 16 -16.59 -19.30 -14.63
C SER A 16 -15.28 -18.98 -13.88
N VAL A 17 -15.11 -19.54 -12.69
CA VAL A 17 -13.86 -19.43 -11.90
C VAL A 17 -12.69 -19.96 -12.73
N CYS A 18 -12.86 -21.07 -13.45
CA CYS A 18 -11.76 -21.78 -14.18
C CYS A 18 -11.37 -20.98 -15.43
N LYS A 19 -12.40 -20.48 -16.10
CA LYS A 19 -12.28 -19.56 -17.26
C LYS A 19 -11.48 -18.33 -16.82
N SER A 20 -12.00 -17.57 -15.87
CA SER A 20 -11.34 -16.32 -15.41
C SER A 20 -9.91 -16.64 -15.00
N TYR A 21 -9.69 -17.74 -14.28
CA TYR A 21 -8.33 -18.15 -13.80
C TYR A 21 -7.43 -18.40 -15.00
N ARG A 22 -7.93 -19.13 -16.02
CA ARG A 22 -7.16 -19.46 -17.26
C ARG A 22 -6.75 -18.17 -17.98
N GLU A 23 -7.58 -17.13 -17.88
CA GLU A 23 -7.42 -15.89 -18.66
C GLU A 23 -6.56 -14.87 -17.90
N THR A 24 -6.47 -14.98 -16.58
CA THR A 24 -5.85 -13.95 -15.70
C THR A 24 -4.57 -14.44 -15.02
N CYS A 25 -4.05 -15.63 -15.31
CA CYS A 25 -2.74 -16.07 -14.76
C CYS A 25 -1.64 -15.49 -15.65
N GLN A 26 -0.73 -14.69 -15.10
CA GLN A 26 0.21 -13.86 -15.91
C GLN A 26 1.02 -14.71 -16.88
N LEU A 27 1.48 -15.89 -16.46
CA LEU A 27 2.33 -16.78 -17.28
C LEU A 27 1.61 -18.10 -17.51
N ARG A 28 1.76 -18.68 -18.70
CA ARG A 28 1.21 -20.02 -19.01
C ARG A 28 2.02 -21.07 -18.24
N LEU A 29 1.37 -22.13 -17.78
CA LEU A 29 1.97 -23.25 -17.01
C LEU A 29 2.96 -24.02 -17.91
N GLU A 30 2.70 -24.17 -19.20
CA GLU A 30 3.65 -24.87 -20.11
C GLU A 30 4.94 -24.05 -20.20
N ASP A 31 4.86 -22.72 -20.23
CA ASP A 31 6.05 -21.85 -20.43
C ASP A 31 6.94 -21.90 -19.18
N LEU A 32 6.35 -21.83 -17.97
CA LEU A 32 7.05 -21.96 -16.68
C LEU A 32 7.81 -23.29 -16.65
N LEU A 33 7.21 -24.38 -17.12
CA LEU A 33 7.79 -25.73 -16.99
C LEU A 33 8.90 -25.91 -18.02
N ARG A 34 8.71 -25.35 -19.21
CA ARG A 34 9.69 -25.38 -20.32
C ARG A 34 10.92 -24.54 -19.91
N GLN A 35 10.73 -23.58 -19.00
CA GLN A 35 11.77 -22.60 -18.61
C GLN A 35 12.59 -23.11 -17.40
N ARG A 36 12.25 -24.27 -16.85
CA ARG A 36 12.85 -24.76 -15.58
C ARG A 36 14.32 -25.14 -15.79
N SER A 37 14.72 -25.46 -17.02
CA SER A 37 16.13 -25.70 -17.40
C SER A 37 16.92 -24.38 -17.37
N ASN A 38 16.24 -23.24 -17.60
CA ASN A 38 16.85 -21.88 -17.69
C ASN A 38 17.01 -21.30 -16.28
N ILE A 39 18.22 -21.39 -15.73
CA ILE A 39 18.56 -21.02 -14.33
C ILE A 39 19.61 -19.89 -14.34
N PHE A 40 19.48 -18.94 -13.43
CA PHE A 40 20.45 -17.81 -13.29
C PHE A 40 21.83 -18.39 -13.00
N SER A 41 22.82 -17.90 -13.76
CA SER A 41 24.28 -18.06 -13.52
C SER A 41 24.66 -17.36 -12.21
N ARG A 42 25.69 -17.85 -11.53
CA ARG A 42 26.25 -17.24 -10.29
C ARG A 42 26.67 -15.79 -10.57
N GLU A 43 27.04 -15.47 -11.81
CA GLU A 43 27.36 -14.10 -12.31
C GLU A 43 26.10 -13.24 -12.18
N GLU A 44 25.01 -13.73 -12.78
CA GLU A 44 23.65 -13.13 -12.70
C GLU A 44 23.27 -12.99 -11.22
N VAL A 45 23.43 -14.04 -10.40
CA VAL A 45 23.06 -13.98 -8.96
C VAL A 45 23.87 -12.88 -8.28
N THR A 46 25.16 -12.80 -8.58
CA THR A 46 26.08 -11.77 -8.03
C THR A 46 25.51 -10.39 -8.43
N GLY A 47 25.12 -10.23 -9.70
CA GLY A 47 24.55 -8.99 -10.25
C GLY A 47 23.34 -8.48 -9.47
N TYR A 48 22.46 -9.38 -9.03
CA TYR A 48 21.25 -9.02 -8.26
C TYR A 48 21.66 -8.69 -6.82
N GLN A 49 22.58 -9.46 -6.27
CA GLN A 49 23.02 -9.27 -4.86
C GLN A 49 23.75 -7.92 -4.72
N ARG A 50 24.29 -7.40 -5.82
CA ARG A 50 25.16 -6.19 -5.84
C ARG A 50 24.29 -4.93 -5.84
N LYS A 51 23.00 -5.06 -6.18
CA LYS A 51 22.05 -3.94 -6.36
C LYS A 51 21.71 -3.37 -4.98
N SER A 52 21.39 -2.09 -4.94
CA SER A 52 20.93 -1.37 -3.73
C SER A 52 19.57 -1.92 -3.31
N MET A 53 19.30 -1.87 -2.01
CA MET A 53 18.02 -2.24 -1.38
C MET A 53 16.88 -1.46 -2.05
N TRP A 54 17.10 -0.17 -2.31
CA TRP A 54 16.14 0.70 -3.04
C TRP A 54 15.81 0.11 -4.40
N GLU A 55 16.83 -0.28 -5.15
CA GLU A 55 16.65 -0.76 -6.54
C GLU A 55 15.88 -2.08 -6.53
N MET A 56 16.29 -3.02 -5.70
CA MET A 56 15.69 -4.38 -5.66
C MET A 56 14.22 -4.28 -5.20
N TRP A 57 13.90 -3.37 -4.29
CA TRP A 57 12.52 -3.20 -3.77
C TRP A 57 11.64 -2.57 -4.84
N GLU A 58 12.18 -1.60 -5.58
CA GLU A 58 11.41 -0.89 -6.62
C GLU A 58 11.05 -1.93 -7.69
N ARG A 59 12.00 -2.76 -8.06
CA ARG A 59 11.81 -3.70 -9.20
C ARG A 59 10.83 -4.82 -8.75
N CYS A 60 10.93 -5.30 -7.50
CA CYS A 60 9.97 -6.32 -6.97
C CYS A 60 8.60 -5.68 -6.76
N ALA A 61 8.56 -4.48 -6.18
CA ALA A 61 7.32 -3.70 -5.99
C ALA A 61 6.60 -3.64 -7.34
N HIS A 62 7.28 -3.28 -8.43
CA HIS A 62 6.68 -3.17 -9.79
C HIS A 62 6.01 -4.51 -10.15
N HIS A 63 6.70 -5.62 -9.97
CA HIS A 63 6.22 -6.98 -10.33
C HIS A 63 4.95 -7.31 -9.53
N LEU A 64 4.99 -7.05 -8.22
CA LEU A 64 3.85 -7.29 -7.31
C LEU A 64 2.63 -6.49 -7.75
N THR A 65 2.81 -5.21 -8.13
CA THR A 65 1.69 -4.32 -8.53
C THR A 65 0.99 -4.89 -9.75
N GLU A 66 1.75 -5.21 -10.79
CA GLU A 66 1.28 -5.88 -12.03
C GLU A 66 0.48 -7.15 -11.67
N ALA A 67 0.94 -7.96 -10.73
CA ALA A 67 0.31 -9.26 -10.36
C ALA A 67 -1.06 -9.00 -9.75
N ILE A 68 -1.16 -7.96 -8.93
CA ILE A 68 -2.40 -7.56 -8.22
C ILE A 68 -3.46 -7.18 -9.25
N GLN A 69 -3.06 -6.59 -10.38
CA GLN A 69 -4.00 -6.17 -11.45
C GLN A 69 -4.58 -7.42 -12.11
N TYR A 70 -3.81 -8.49 -12.23
CA TYR A 70 -4.32 -9.80 -12.73
C TYR A 70 -5.32 -10.41 -11.71
N VAL A 71 -5.09 -10.29 -10.39
CA VAL A 71 -6.07 -10.76 -9.38
C VAL A 71 -7.33 -9.89 -9.47
N VAL A 72 -7.18 -8.58 -9.65
CA VAL A 72 -8.34 -7.67 -9.82
C VAL A 72 -9.16 -8.16 -11.02
N GLU A 73 -8.51 -8.33 -12.17
CA GLU A 73 -9.16 -8.87 -13.38
C GLU A 73 -9.77 -10.26 -13.09
N PHE A 74 -9.10 -11.14 -12.32
CA PHE A 74 -9.65 -12.47 -11.97
C PHE A 74 -11.01 -12.29 -11.25
N ALA A 75 -11.07 -11.39 -10.26
CA ALA A 75 -12.26 -11.09 -9.43
C ALA A 75 -13.39 -10.57 -10.31
N LYS A 76 -13.07 -9.68 -11.25
CA LYS A 76 -14.09 -8.91 -12.01
C LYS A 76 -14.79 -9.88 -12.96
N ARG A 77 -14.04 -10.79 -13.57
CA ARG A 77 -14.52 -11.76 -14.59
C ARG A 77 -15.33 -12.89 -13.94
N LEU A 78 -15.19 -13.10 -12.64
CA LEU A 78 -15.86 -14.24 -11.96
C LEU A 78 -17.20 -13.73 -11.41
N SER A 79 -18.29 -14.15 -12.07
CA SER A 79 -19.64 -13.57 -11.88
C SER A 79 -20.18 -14.03 -10.53
N GLY A 80 -20.97 -13.17 -9.92
CA GLY A 80 -21.25 -13.21 -8.48
C GLY A 80 -20.44 -12.16 -7.75
N PHE A 81 -19.18 -11.94 -8.18
CA PHE A 81 -18.30 -10.90 -7.59
C PHE A 81 -18.77 -9.51 -8.03
N MET A 82 -19.02 -9.31 -9.33
CA MET A 82 -19.50 -8.03 -9.93
C MET A 82 -20.90 -7.63 -9.41
N GLU A 83 -21.61 -8.55 -8.76
CA GLU A 83 -23.00 -8.34 -8.27
C GLU A 83 -22.94 -7.94 -6.81
N LEU A 84 -21.79 -8.11 -6.17
CA LEU A 84 -21.56 -7.60 -4.78
C LEU A 84 -21.51 -6.07 -4.88
N CYS A 85 -21.84 -5.36 -3.79
CA CYS A 85 -21.74 -3.88 -3.77
C CYS A 85 -20.28 -3.45 -3.87
N GLN A 86 -20.02 -2.34 -4.55
CA GLN A 86 -18.65 -1.86 -4.90
C GLN A 86 -17.75 -1.78 -3.66
N ASN A 87 -18.31 -1.39 -2.51
CA ASN A 87 -17.58 -1.33 -1.22
C ASN A 87 -17.02 -2.71 -0.92
N ASP A 88 -17.84 -3.75 -1.03
CA ASP A 88 -17.46 -5.14 -0.66
C ASP A 88 -16.43 -5.66 -1.66
N GLN A 89 -16.59 -5.32 -2.94
CA GLN A 89 -15.63 -5.71 -4.00
C GLN A 89 -14.24 -5.15 -3.65
N ILE A 90 -14.20 -3.98 -3.00
CA ILE A 90 -12.94 -3.26 -2.70
C ILE A 90 -12.35 -3.88 -1.45
N VAL A 91 -13.20 -4.18 -0.45
CA VAL A 91 -12.76 -4.74 0.85
C VAL A 91 -12.12 -6.11 0.64
N LEU A 92 -12.70 -6.95 -0.24
CA LEU A 92 -12.23 -8.34 -0.48
C LEU A 92 -10.91 -8.32 -1.24
N LEU A 93 -10.79 -7.45 -2.24
CA LEU A 93 -9.55 -7.38 -3.08
C LEU A 93 -8.38 -6.84 -2.24
N LYS A 94 -8.58 -5.74 -1.53
CA LYS A 94 -7.48 -5.15 -0.71
C LYS A 94 -7.05 -6.16 0.36
N ALA A 95 -7.98 -6.94 0.93
CA ALA A 95 -7.69 -7.91 2.02
C ALA A 95 -7.02 -9.17 1.43
N GLY A 96 -7.34 -9.57 0.19
CA GLY A 96 -6.94 -10.88 -0.35
C GLY A 96 -6.04 -10.85 -1.59
N ALA A 97 -5.95 -9.75 -2.36
CA ALA A 97 -5.22 -9.71 -3.66
C ALA A 97 -3.78 -10.24 -3.53
N MET A 98 -3.02 -9.75 -2.56
CA MET A 98 -1.61 -10.19 -2.32
C MET A 98 -1.59 -11.66 -1.88
N GLU A 99 -2.51 -12.07 -0.97
CA GLU A 99 -2.60 -13.49 -0.52
C GLU A 99 -2.84 -14.37 -1.76
N VAL A 100 -3.60 -13.87 -2.75
CA VAL A 100 -3.88 -14.64 -3.99
C VAL A 100 -2.61 -14.69 -4.86
N VAL A 101 -1.88 -13.58 -4.94
CA VAL A 101 -0.57 -13.48 -5.67
C VAL A 101 0.38 -14.54 -5.12
N LEU A 102 0.52 -14.58 -3.80
CA LEU A 102 1.37 -15.57 -3.08
C LEU A 102 0.96 -17.00 -3.49
N VAL A 103 -0.32 -17.36 -3.40
CA VAL A 103 -0.77 -18.75 -3.68
C VAL A 103 -0.38 -19.07 -5.12
N ARG A 104 -0.63 -18.13 -6.03
CA ARG A 104 -0.34 -18.30 -7.47
C ARG A 104 1.16 -18.57 -7.71
N MET A 105 2.09 -18.03 -6.91
CA MET A 105 3.50 -18.17 -7.34
C MET A 105 3.96 -19.61 -7.13
N CYS A 106 3.18 -20.49 -6.50
CA CYS A 106 3.59 -21.91 -6.29
C CYS A 106 3.68 -22.64 -7.64
N ARG A 107 3.04 -22.12 -8.69
CA ARG A 107 3.11 -22.64 -10.09
C ARG A 107 4.46 -22.30 -10.76
N ALA A 108 5.06 -21.18 -10.34
CA ALA A 108 6.36 -20.68 -10.81
C ALA A 108 7.47 -21.16 -9.88
N TYR A 109 7.17 -22.10 -8.97
CA TYR A 109 8.15 -22.66 -8.00
C TYR A 109 8.47 -24.10 -8.43
N ASN A 110 9.77 -24.44 -8.42
CA ASN A 110 10.34 -25.77 -8.72
C ASN A 110 10.89 -26.36 -7.42
N ALA A 111 10.14 -27.28 -6.80
CA ALA A 111 10.48 -27.91 -5.51
C ALA A 111 11.68 -28.85 -5.70
N ASP A 112 11.94 -29.27 -6.95
CA ASP A 112 13.11 -30.13 -7.28
C ASP A 112 14.41 -29.43 -6.85
N ASN A 113 14.50 -28.09 -6.97
CA ASN A 113 15.78 -27.35 -6.77
C ASN A 113 15.53 -26.05 -6.02
N ARG A 114 14.40 -25.92 -5.31
CA ARG A 114 14.06 -24.75 -4.45
C ARG A 114 14.29 -23.45 -5.22
N THR A 115 13.94 -23.43 -6.52
CA THR A 115 14.04 -22.24 -7.41
C THR A 115 12.65 -21.67 -7.69
N VAL A 116 12.58 -20.35 -7.89
CA VAL A 116 11.36 -19.63 -8.33
C VAL A 116 11.71 -18.92 -9.64
N PHE A 117 10.72 -18.78 -10.52
CA PHE A 117 10.79 -18.08 -11.83
C PHE A 117 10.72 -16.56 -11.55
N PHE A 118 11.68 -15.80 -12.06
CA PHE A 118 11.89 -14.37 -11.73
C PHE A 118 12.57 -13.65 -12.89
N GLU A 119 11.91 -12.67 -13.49
CA GLU A 119 12.50 -11.88 -14.59
C GLU A 119 13.22 -12.79 -15.59
N GLY A 120 12.56 -13.81 -16.09
CA GLY A 120 13.02 -14.55 -17.28
C GLY A 120 13.54 -15.93 -16.95
N LYS A 121 14.25 -16.08 -15.83
CA LYS A 121 14.94 -17.34 -15.45
C LYS A 121 14.57 -17.75 -14.01
N TYR A 122 15.07 -18.90 -13.58
CA TYR A 122 14.85 -19.50 -12.23
C TYR A 122 16.03 -19.22 -11.30
N GLY A 123 15.77 -18.90 -10.03
CA GLY A 123 16.83 -18.71 -9.02
C GLY A 123 16.37 -19.03 -7.60
N GLY A 124 17.29 -19.25 -6.67
CA GLY A 124 17.01 -19.56 -5.26
C GLY A 124 16.78 -18.30 -4.46
N MET A 125 16.50 -18.42 -3.16
CA MET A 125 16.24 -17.28 -2.25
C MET A 125 17.44 -16.34 -2.18
N GLU A 126 18.66 -16.80 -2.49
CA GLU A 126 19.92 -16.00 -2.37
C GLU A 126 19.92 -14.85 -3.39
N LEU A 127 19.17 -14.97 -4.49
CA LEU A 127 18.91 -13.88 -5.47
C LEU A 127 18.36 -12.58 -4.84
N PHE A 128 17.57 -12.68 -3.76
CA PHE A 128 16.79 -11.56 -3.19
C PHE A 128 17.50 -10.94 -1.99
N ARG A 129 18.79 -11.20 -1.82
CA ARG A 129 19.57 -10.80 -0.62
C ARG A 129 19.51 -9.26 -0.42
N ALA A 130 19.62 -8.49 -1.52
CA ALA A 130 19.61 -7.01 -1.50
C ALA A 130 18.30 -6.44 -0.90
N LEU A 131 17.20 -7.21 -0.87
CA LEU A 131 15.93 -6.79 -0.20
C LEU A 131 16.15 -6.62 1.32
N GLY A 132 17.22 -7.22 1.86
CA GLY A 132 17.48 -7.24 3.32
C GLY A 132 16.32 -7.80 4.15
N CYS A 133 15.56 -8.76 3.64
CA CYS A 133 14.45 -9.43 4.38
CA CYS A 133 14.44 -9.42 4.37
C CYS A 133 14.52 -10.94 4.15
N SER A 134 15.63 -11.56 4.55
CA SER A 134 15.90 -12.99 4.37
C SER A 134 14.80 -13.84 5.04
N GLU A 135 14.45 -13.55 6.29
CA GLU A 135 13.26 -14.14 6.98
C GLU A 135 12.10 -14.24 5.99
N LEU A 136 11.60 -13.09 5.50
CA LEU A 136 10.41 -12.98 4.63
C LEU A 136 10.58 -13.84 3.36
N ILE A 137 11.71 -13.74 2.67
CA ILE A 137 11.98 -14.54 1.43
C ILE A 137 11.97 -16.03 1.78
N SER A 138 12.42 -16.40 2.97
CA SER A 138 12.42 -17.79 3.48
C SER A 138 10.98 -18.26 3.71
N SER A 139 10.16 -17.42 4.36
CA SER A 139 8.71 -17.62 4.55
C SER A 139 8.02 -17.90 3.21
N ILE A 140 8.39 -17.13 2.17
CA ILE A 140 7.73 -17.21 0.84
C ILE A 140 8.09 -18.55 0.17
N PHE A 141 9.38 -18.94 0.16
CA PHE A 141 9.87 -20.22 -0.41
C PHE A 141 9.26 -21.41 0.35
N ASP A 142 9.36 -21.42 1.68
CA ASP A 142 8.73 -22.46 2.53
C ASP A 142 7.25 -22.65 2.17
N PHE A 143 6.49 -21.56 2.08
CA PHE A 143 5.02 -21.57 1.81
C PHE A 143 4.78 -22.11 0.40
N SER A 144 5.62 -21.75 -0.59
CA SER A 144 5.54 -22.21 -2.00
C SER A 144 5.90 -23.70 -2.09
N HIS A 145 6.87 -24.14 -1.31
CA HIS A 145 7.31 -25.54 -1.26
C HIS A 145 6.14 -26.37 -0.70
N SER A 146 5.55 -25.96 0.43
CA SER A 146 4.39 -26.63 1.07
C SER A 146 3.26 -26.73 0.05
N LEU A 147 3.05 -25.69 -0.73
CA LEU A 147 1.89 -25.62 -1.64
C LEU A 147 2.20 -26.49 -2.85
N SER A 148 3.44 -26.50 -3.34
CA SER A 148 3.79 -27.28 -4.54
C SER A 148 3.52 -28.75 -4.21
N ALA A 149 3.65 -29.14 -2.94
CA ALA A 149 3.53 -30.54 -2.46
C ALA A 149 2.13 -31.10 -2.73
N LEU A 150 1.12 -30.24 -2.90
CA LEU A 150 -0.30 -30.62 -3.17
C LEU A 150 -0.50 -31.04 -4.63
N HIS A 151 0.44 -30.71 -5.50
CA HIS A 151 0.32 -30.98 -6.96
C HIS A 151 -1.10 -30.61 -7.36
N PHE A 152 -1.46 -29.34 -7.17
CA PHE A 152 -2.75 -28.75 -7.60
C PHE A 152 -2.93 -28.95 -9.10
N SER A 153 -4.14 -29.28 -9.56
CA SER A 153 -4.60 -29.05 -10.95
C SER A 153 -4.93 -27.56 -11.10
N GLU A 154 -5.03 -27.06 -12.33
CA GLU A 154 -5.42 -25.66 -12.61
C GLU A 154 -6.80 -25.43 -11.97
N ASP A 155 -7.72 -26.39 -12.10
CA ASP A 155 -9.09 -26.25 -11.55
C ASP A 155 -9.05 -26.12 -10.02
N GLU A 156 -8.22 -26.92 -9.36
CA GLU A 156 -8.11 -26.93 -7.88
C GLU A 156 -7.56 -25.59 -7.40
N ILE A 157 -6.58 -25.01 -8.10
CA ILE A 157 -5.92 -23.74 -7.67
C ILE A 157 -6.87 -22.57 -7.98
N ALA A 158 -7.57 -22.62 -9.11
CA ALA A 158 -8.61 -21.62 -9.48
C ALA A 158 -9.68 -21.53 -8.37
N LEU A 159 -10.22 -22.67 -7.97
CA LEU A 159 -11.28 -22.74 -6.93
C LEU A 159 -10.69 -22.35 -5.58
N TYR A 160 -9.47 -22.74 -5.27
CA TYR A 160 -8.90 -22.38 -3.94
C TYR A 160 -8.72 -20.87 -3.87
N THR A 161 -8.13 -20.25 -4.91
CA THR A 161 -7.80 -18.80 -4.92
C THR A 161 -9.10 -18.00 -4.90
N ALA A 162 -10.19 -18.56 -5.44
CA ALA A 162 -11.52 -17.90 -5.40
C ALA A 162 -11.97 -17.83 -3.94
N LEU A 163 -11.72 -18.88 -3.15
CA LEU A 163 -12.15 -18.90 -1.73
C LEU A 163 -11.22 -18.05 -0.88
N VAL A 164 -9.95 -17.89 -1.30
CA VAL A 164 -9.00 -16.95 -0.63
C VAL A 164 -9.64 -15.55 -0.71
N LEU A 165 -10.25 -15.23 -1.84
CA LEU A 165 -10.85 -13.90 -2.14
C LEU A 165 -12.23 -13.75 -1.49
N ILE A 166 -13.14 -14.69 -1.73
CA ILE A 166 -14.56 -14.61 -1.31
C ILE A 166 -14.65 -15.17 0.10
N ASN A 167 -14.36 -14.30 1.06
CA ASN A 167 -14.21 -14.60 2.50
C ASN A 167 -15.12 -13.62 3.25
N ALA A 168 -16.15 -14.14 3.89
CA ALA A 168 -17.26 -13.35 4.48
C ALA A 168 -16.81 -12.77 5.82
N HIS A 169 -15.61 -13.10 6.30
CA HIS A 169 -15.11 -12.71 7.65
C HIS A 169 -14.14 -11.51 7.55
N ARG A 170 -13.81 -11.05 6.34
CA ARG A 170 -13.04 -9.79 6.14
C ARG A 170 -13.76 -8.66 6.87
N PRO A 171 -13.07 -7.93 7.77
CA PRO A 171 -13.64 -6.75 8.40
C PRO A 171 -14.03 -5.70 7.35
N GLY A 172 -15.13 -4.99 7.60
CA GLY A 172 -15.53 -3.79 6.84
C GLY A 172 -16.43 -4.11 5.67
N LEU A 173 -17.06 -5.29 5.68
CA LEU A 173 -18.08 -5.70 4.67
C LEU A 173 -19.42 -5.01 4.95
N GLN A 174 -20.09 -4.53 3.91
CA GLN A 174 -21.42 -3.88 3.99
C GLN A 174 -22.48 -4.98 3.99
N GLU A 175 -22.58 -5.74 2.88
CA GLU A 175 -23.59 -6.83 2.65
C GLU A 175 -22.97 -8.20 2.98
N LYS A 176 -22.69 -8.45 4.26
CA LYS A 176 -21.95 -9.65 4.75
C LYS A 176 -22.71 -10.94 4.37
N ARG A 177 -24.03 -10.88 4.16
CA ARG A 177 -24.84 -12.06 3.75
C ARG A 177 -24.54 -12.42 2.30
N LYS A 178 -24.50 -11.45 1.39
CA LYS A 178 -24.32 -11.72 -0.07
C LYS A 178 -22.96 -12.38 -0.33
N VAL A 179 -21.98 -12.17 0.56
CA VAL A 179 -20.58 -12.68 0.44
C VAL A 179 -20.52 -14.12 0.99
N GLU A 180 -21.12 -14.34 2.18
CA GLU A 180 -21.36 -15.67 2.80
C GLU A 180 -21.93 -16.63 1.76
N GLN A 181 -23.00 -16.21 1.08
CA GLN A 181 -23.76 -16.95 0.06
C GLN A 181 -22.83 -17.36 -1.10
N LEU A 182 -22.08 -16.42 -1.63
CA LEU A 182 -21.14 -16.70 -2.74
C LEU A 182 -20.07 -17.65 -2.22
N GLN A 183 -19.58 -17.43 -1.00
CA GLN A 183 -18.45 -18.22 -0.41
C GLN A 183 -18.92 -19.66 -0.22
N TYR A 184 -20.08 -19.81 0.42
CA TYR A 184 -20.78 -21.10 0.66
C TYR A 184 -20.97 -21.87 -0.65
N ASN A 185 -21.32 -21.18 -1.74
CA ASN A 185 -21.48 -21.79 -3.08
C ASN A 185 -20.13 -22.32 -3.60
N LEU A 186 -19.07 -21.51 -3.48
CA LEU A 186 -17.69 -21.88 -3.88
C LEU A 186 -17.21 -23.05 -3.00
N GLU A 187 -17.59 -23.07 -1.73
CA GLU A 187 -17.22 -24.19 -0.85
C GLU A 187 -17.87 -25.48 -1.34
N LEU A 188 -19.19 -25.48 -1.58
CA LEU A 188 -19.93 -26.67 -2.05
C LEU A 188 -19.24 -27.19 -3.31
N ALA A 189 -18.97 -26.27 -4.25
CA ALA A 189 -18.29 -26.55 -5.53
C ALA A 189 -16.95 -27.23 -5.25
N PHE A 190 -16.15 -26.64 -4.37
CA PHE A 190 -14.76 -27.08 -4.11
C PHE A 190 -14.79 -28.42 -3.40
N HIS A 191 -15.66 -28.58 -2.40
CA HIS A 191 -15.72 -29.81 -1.59
C HIS A 191 -16.26 -30.94 -2.45
N HIS A 192 -17.34 -30.69 -3.19
CA HIS A 192 -17.91 -31.69 -4.12
C HIS A 192 -16.84 -32.11 -5.14
N HIS A 193 -16.18 -31.15 -5.80
CA HIS A 193 -15.17 -31.43 -6.87
C HIS A 193 -14.00 -32.26 -6.31
N LEU A 194 -13.51 -31.93 -5.12
CA LEU A 194 -12.42 -32.72 -4.48
C LEU A 194 -12.94 -34.13 -4.17
N CYS A 195 -14.08 -34.26 -3.48
CA CYS A 195 -14.68 -35.56 -3.10
C CYS A 195 -14.92 -36.44 -4.34
N LYS A 196 -15.51 -35.89 -5.41
CA LYS A 196 -15.80 -36.70 -6.60
C LYS A 196 -14.49 -37.20 -7.23
N THR A 197 -13.34 -36.54 -7.03
CA THR A 197 -12.04 -36.90 -7.65
C THR A 197 -11.08 -37.57 -6.63
N HIS A 198 -11.58 -37.88 -5.44
CA HIS A 198 -10.83 -38.53 -4.33
C HIS A 198 -9.61 -37.70 -3.96
N ARG A 199 -9.69 -36.37 -4.11
CA ARG A 199 -8.59 -35.42 -3.84
C ARG A 199 -8.84 -34.74 -2.50
N GLN A 200 -9.81 -35.22 -1.72
CA GLN A 200 -10.31 -34.52 -0.50
C GLN A 200 -9.24 -34.49 0.59
N SER A 201 -8.23 -35.38 0.52
CA SER A 201 -7.14 -35.45 1.52
C SER A 201 -6.30 -34.16 1.52
N ILE A 202 -6.14 -33.45 0.40
CA ILE A 202 -5.30 -32.20 0.34
C ILE A 202 -5.85 -31.11 1.27
N LEU A 203 -7.13 -31.17 1.67
CA LEU A 203 -7.77 -30.16 2.56
C LEU A 203 -7.05 -30.06 3.92
N ALA A 204 -6.47 -31.17 4.41
CA ALA A 204 -5.69 -31.23 5.66
C ALA A 204 -4.40 -30.43 5.49
N LYS A 205 -3.72 -30.61 4.35
CA LYS A 205 -2.39 -30.06 4.05
C LYS A 205 -2.45 -28.59 3.60
N LEU A 206 -3.61 -27.94 3.66
CA LEU A 206 -3.78 -26.52 3.25
C LEU A 206 -3.44 -25.61 4.42
N PRO A 207 -2.78 -24.46 4.19
CA PRO A 207 -2.38 -23.56 5.28
C PRO A 207 -3.62 -22.91 5.90
N PRO A 208 -3.63 -22.61 7.22
CA PRO A 208 -4.74 -21.89 7.85
C PRO A 208 -4.94 -20.48 7.27
N GLY A 210 -5.05 -17.33 8.21
CA GLY A 210 -4.14 -16.34 8.84
C GLY A 210 -2.68 -16.54 8.48
N LYS A 211 -2.24 -17.74 8.08
CA LYS A 211 -0.83 -18.03 7.69
C LYS A 211 -0.47 -17.32 6.37
N LEU A 212 -1.43 -17.13 5.48
CA LEU A 212 -1.30 -16.25 4.28
C LEU A 212 -1.20 -14.79 4.74
N ARG A 213 -2.03 -14.41 5.73
CA ARG A 213 -2.11 -13.03 6.31
C ARG A 213 -0.81 -12.67 7.03
N SER A 214 -0.41 -13.47 8.02
CA SER A 214 0.77 -13.24 8.90
C SER A 214 2.07 -13.20 8.06
N LEU A 215 2.11 -13.96 6.97
CA LEU A 215 3.33 -14.16 6.15
C LEU A 215 3.87 -12.80 5.68
N CYS A 216 2.99 -11.92 5.20
CA CYS A 216 3.33 -10.68 4.47
C CYS A 216 3.15 -9.42 5.33
N SER A 217 2.39 -9.51 6.43
CA SER A 217 2.13 -8.46 7.46
C SER A 217 3.35 -7.56 7.65
N GLN A 218 4.49 -8.21 7.98
CA GLN A 218 5.78 -7.60 8.43
C GLN A 218 6.23 -6.47 7.50
N HIS A 219 6.00 -6.59 6.18
CA HIS A 219 6.74 -5.82 5.13
C HIS A 219 5.84 -5.16 4.05
N VAL A 220 4.50 -5.27 4.10
CA VAL A 220 3.59 -5.03 2.90
C VAL A 220 3.34 -3.53 2.66
N GLU A 221 3.13 -2.71 3.69
CA GLU A 221 2.80 -1.26 3.54
C GLU A 221 4.04 -0.49 3.05
N ARG A 222 5.20 -1.15 3.03
CA ARG A 222 6.49 -0.68 2.44
C ARG A 222 6.36 -0.38 0.93
N LEU A 223 5.39 -1.01 0.25
CA LEU A 223 5.26 -0.97 -1.23
C LEU A 223 4.69 0.37 -1.70
N GLN A 224 3.96 1.07 -0.82
CA GLN A 224 3.27 2.35 -1.14
C GLN A 224 4.25 3.40 -1.72
N ILE A 225 5.53 3.42 -1.31
CA ILE A 225 6.53 4.47 -1.70
C ILE A 225 7.27 4.05 -2.98
N PHE A 226 6.89 2.92 -3.58
CA PHE A 226 7.29 2.50 -4.95
C PHE A 226 6.02 2.39 -5.80
N GLN A 227 5.87 3.23 -6.84
CA GLN A 227 4.68 3.24 -7.73
C GLN A 227 4.74 4.50 -8.62
N ILE B 10 23.15 24.77 13.84
CA ILE B 10 21.73 24.63 14.27
C ILE B 10 20.85 25.66 13.56
N GLU B 11 21.27 26.94 13.54
CA GLU B 11 20.66 27.97 12.66
C GLU B 11 20.88 27.52 11.21
N HIS B 12 21.99 26.80 10.98
CA HIS B 12 22.29 26.17 9.65
C HIS B 12 21.28 25.05 9.38
N LEU B 13 20.98 24.22 10.38
CA LEU B 13 20.04 23.08 10.22
C LEU B 13 18.64 23.63 9.85
N VAL B 14 18.14 24.58 10.65
CA VAL B 14 16.82 25.24 10.48
C VAL B 14 16.68 25.69 9.02
N GLN B 15 17.65 26.42 8.48
CA GLN B 15 17.55 27.03 7.12
C GLN B 15 17.78 25.95 6.04
N SER B 16 18.47 24.87 6.36
CA SER B 16 18.64 23.72 5.43
C SER B 16 17.31 22.95 5.28
N VAL B 17 16.64 22.64 6.39
CA VAL B 17 15.33 21.93 6.40
C VAL B 17 14.32 22.77 5.61
N CYS B 18 14.21 24.06 5.95
CA CYS B 18 13.27 25.03 5.33
C CYS B 18 13.47 25.04 3.81
N LYS B 19 14.72 25.15 3.36
CA LYS B 19 15.08 25.09 1.91
C LYS B 19 14.56 23.78 1.30
N SER B 20 14.91 22.63 1.89
CA SER B 20 14.49 21.28 1.40
C SER B 20 12.97 21.27 1.18
N TYR B 21 12.23 21.79 2.15
CA TYR B 21 10.75 21.80 2.17
C TYR B 21 10.24 22.63 0.98
N ARG B 22 10.82 23.82 0.76
CA ARG B 22 10.38 24.81 -0.27
C ARG B 22 10.75 24.34 -1.68
N GLU B 23 11.78 23.51 -1.85
CA GLU B 23 12.14 22.90 -3.15
C GLU B 23 11.26 21.67 -3.44
N THR B 24 10.54 21.13 -2.46
CA THR B 24 9.76 19.87 -2.60
C THR B 24 8.31 20.07 -2.14
N CYS B 25 7.90 21.32 -1.96
CA CYS B 25 6.48 21.78 -2.09
C CYS B 25 5.92 21.28 -3.42
N GLN B 26 4.75 20.68 -3.38
CA GLN B 26 4.00 20.21 -4.58
C GLN B 26 3.28 21.44 -5.17
N LEU B 27 2.66 22.21 -4.29
CA LEU B 27 1.80 23.38 -4.60
C LEU B 27 2.37 24.62 -3.90
N ARG B 28 2.75 25.64 -4.67
CA ARG B 28 3.07 27.01 -4.16
C ARG B 28 1.90 27.51 -3.29
N LEU B 29 2.23 28.08 -2.13
CA LEU B 29 1.26 28.65 -1.16
C LEU B 29 0.50 29.83 -1.80
N GLU B 30 1.16 30.65 -2.63
CA GLU B 30 0.50 31.81 -3.30
C GLU B 30 -0.52 31.29 -4.33
N ASP B 31 -0.26 30.16 -5.01
CA ASP B 31 -1.21 29.55 -5.97
C ASP B 31 -2.40 28.99 -5.19
N LEU B 32 -2.18 28.25 -4.10
CA LEU B 32 -3.28 27.74 -3.26
C LEU B 32 -4.14 28.92 -2.80
N LEU B 33 -3.54 30.04 -2.40
CA LEU B 33 -4.28 31.17 -1.75
C LEU B 33 -5.10 31.98 -2.78
N ARG B 34 -4.55 32.22 -3.96
CA ARG B 34 -5.20 32.95 -5.08
C ARG B 34 -6.39 32.12 -5.58
N GLN B 35 -6.21 30.80 -5.70
CA GLN B 35 -7.26 29.84 -6.13
C GLN B 35 -8.37 29.69 -5.07
N ARG B 36 -8.32 30.37 -3.91
CA ARG B 36 -9.35 30.16 -2.83
C ARG B 36 -10.74 30.65 -3.23
N SER B 37 -10.86 31.48 -4.28
CA SER B 37 -12.13 32.03 -4.81
C SER B 37 -12.76 31.01 -5.77
N ASN B 38 -11.92 30.24 -6.46
CA ASN B 38 -12.26 29.19 -7.46
C ASN B 38 -12.90 27.99 -6.72
N ILE B 39 -14.23 27.96 -6.62
CA ILE B 39 -15.04 26.99 -5.82
C ILE B 39 -16.00 26.19 -6.73
N PHE B 40 -15.94 24.86 -6.67
CA PHE B 40 -16.87 23.93 -7.38
C PHE B 40 -18.33 24.34 -7.14
N SER B 41 -19.08 24.44 -8.25
CA SER B 41 -20.57 24.55 -8.32
C SER B 41 -21.18 23.31 -7.68
N ARG B 42 -22.47 23.36 -7.32
CA ARG B 42 -23.19 22.14 -6.86
C ARG B 42 -23.34 21.18 -8.04
N GLU B 43 -23.36 21.67 -9.30
CA GLU B 43 -23.35 20.78 -10.49
C GLU B 43 -22.03 20.00 -10.56
N GLU B 44 -20.96 20.62 -10.09
CA GLU B 44 -19.61 19.98 -10.13
C GLU B 44 -19.49 19.03 -8.94
N VAL B 45 -20.08 19.38 -7.80
CA VAL B 45 -20.20 18.49 -6.61
C VAL B 45 -21.00 17.23 -6.98
N THR B 46 -22.18 17.44 -7.59
CA THR B 46 -23.11 16.39 -8.05
C THR B 46 -22.34 15.47 -9.02
N GLY B 47 -21.50 16.05 -9.88
CA GLY B 47 -20.69 15.32 -10.86
C GLY B 47 -19.76 14.34 -10.17
N TYR B 48 -19.06 14.80 -9.13
CA TYR B 48 -18.16 13.98 -8.28
C TYR B 48 -18.99 12.99 -7.46
N GLN B 49 -20.19 13.38 -7.03
CA GLN B 49 -21.03 12.53 -6.13
C GLN B 49 -21.64 11.34 -6.88
N ARG B 50 -21.78 11.38 -8.22
CA ARG B 50 -22.37 10.25 -9.00
C ARG B 50 -21.29 9.41 -9.70
N LYS B 51 -20.00 9.67 -9.44
CA LYS B 51 -18.90 8.77 -9.86
C LYS B 51 -19.04 7.47 -9.06
N SER B 52 -18.61 6.35 -9.63
CA SER B 52 -18.60 5.04 -8.92
C SER B 52 -17.57 5.13 -7.79
N MET B 53 -17.78 4.38 -6.70
CA MET B 53 -16.81 4.22 -5.59
C MET B 53 -15.41 3.87 -6.14
N TRP B 54 -15.36 3.05 -7.20
CA TRP B 54 -14.07 2.64 -7.80
C TRP B 54 -13.42 3.83 -8.51
N GLU B 55 -14.17 4.61 -9.31
CA GLU B 55 -13.57 5.74 -10.07
C GLU B 55 -12.98 6.75 -9.09
N MET B 56 -13.70 7.02 -8.00
CA MET B 56 -13.36 8.07 -7.01
C MET B 56 -12.15 7.60 -6.23
N TRP B 57 -12.12 6.33 -5.79
CA TRP B 57 -10.94 5.75 -5.09
C TRP B 57 -9.73 5.80 -6.01
N GLU B 58 -9.91 5.54 -7.30
CA GLU B 58 -8.72 5.43 -8.18
C GLU B 58 -8.07 6.82 -8.33
N ARG B 59 -8.85 7.87 -8.58
CA ARG B 59 -8.31 9.23 -8.87
C ARG B 59 -7.64 9.78 -7.58
N CYS B 60 -8.26 9.54 -6.42
CA CYS B 60 -7.76 9.92 -5.07
C CYS B 60 -6.43 9.22 -4.74
N ALA B 61 -6.36 7.89 -4.91
CA ALA B 61 -5.12 7.08 -4.74
C ALA B 61 -4.03 7.66 -5.65
N HIS B 62 -4.30 7.86 -6.94
CA HIS B 62 -3.35 8.54 -7.85
C HIS B 62 -2.82 9.84 -7.18
N HIS B 63 -3.71 10.72 -6.70
CA HIS B 63 -3.33 12.06 -6.16
C HIS B 63 -2.43 11.91 -4.92
N LEU B 64 -2.71 10.91 -4.07
CA LEU B 64 -1.96 10.50 -2.86
C LEU B 64 -0.57 9.98 -3.27
N THR B 65 -0.49 9.08 -4.26
CA THR B 65 0.80 8.49 -4.76
C THR B 65 1.71 9.60 -5.26
N GLU B 66 1.14 10.57 -5.97
CA GLU B 66 1.87 11.75 -6.48
C GLU B 66 2.41 12.53 -5.28
N ALA B 67 1.54 12.84 -4.32
CA ALA B 67 1.88 13.60 -3.10
C ALA B 67 3.05 12.91 -2.37
N ILE B 68 3.00 11.58 -2.25
CA ILE B 68 4.03 10.77 -1.55
C ILE B 68 5.37 10.93 -2.27
N GLN B 69 5.36 11.01 -3.59
CA GLN B 69 6.63 11.14 -4.36
C GLN B 69 7.32 12.45 -3.98
N TYR B 70 6.58 13.49 -3.62
CA TYR B 70 7.15 14.79 -3.18
C TYR B 70 7.81 14.66 -1.80
N VAL B 71 7.21 13.88 -0.89
CA VAL B 71 7.78 13.61 0.47
C VAL B 71 9.08 12.82 0.35
N VAL B 72 9.19 11.88 -0.60
CA VAL B 72 10.45 11.12 -0.87
C VAL B 72 11.51 12.14 -1.25
N GLU B 73 11.20 13.10 -2.13
CA GLU B 73 12.18 14.13 -2.58
C GLU B 73 12.54 15.06 -1.41
N PHE B 74 11.55 15.36 -0.57
CA PHE B 74 11.77 16.11 0.68
C PHE B 74 12.84 15.36 1.49
N ALA B 75 12.69 14.05 1.67
CA ALA B 75 13.63 13.20 2.43
C ALA B 75 15.02 13.21 1.78
N LYS B 76 15.11 12.96 0.49
CA LYS B 76 16.39 12.93 -0.26
C LYS B 76 17.15 14.24 0.01
N ARG B 77 16.45 15.38 0.12
CA ARG B 77 17.06 16.73 0.27
C ARG B 77 17.27 17.11 1.73
N LEU B 78 16.77 16.30 2.66
CA LEU B 78 16.74 16.59 4.12
C LEU B 78 18.09 16.15 4.72
N SER B 79 18.83 17.12 5.26
CA SER B 79 20.19 16.97 5.85
C SER B 79 20.23 15.76 6.78
N GLY B 80 21.10 14.78 6.48
CA GLY B 80 21.31 13.58 7.31
C GLY B 80 20.56 12.35 6.81
N PHE B 81 19.34 12.50 6.26
CA PHE B 81 18.46 11.38 5.83
C PHE B 81 19.22 10.39 4.93
N MET B 82 19.91 10.86 3.89
CA MET B 82 20.59 9.98 2.90
C MET B 82 21.89 9.42 3.45
N GLU B 83 22.30 9.80 4.66
CA GLU B 83 23.45 9.15 5.36
C GLU B 83 22.95 8.04 6.29
N LEU B 84 21.65 7.94 6.56
CA LEU B 84 21.09 6.77 7.29
C LEU B 84 21.22 5.59 6.34
N CYS B 85 21.21 4.34 6.85
CA CYS B 85 21.26 3.12 6.00
C CYS B 85 19.97 3.05 5.20
N GLN B 86 20.02 2.41 4.04
CA GLN B 86 18.87 2.28 3.11
C GLN B 86 17.68 1.61 3.82
N ASN B 87 17.92 0.60 4.66
CA ASN B 87 16.81 -0.04 5.41
C ASN B 87 16.00 1.07 6.06
N ASP B 88 16.70 1.88 6.85
CA ASP B 88 16.11 2.91 7.72
C ASP B 88 15.47 4.01 6.86
N GLN B 89 16.07 4.33 5.71
CA GLN B 89 15.52 5.30 4.74
C GLN B 89 14.12 4.83 4.36
N ILE B 90 14.03 3.58 3.89
CA ILE B 90 12.77 2.93 3.44
C ILE B 90 11.80 2.81 4.63
N VAL B 91 12.26 2.40 5.81
CA VAL B 91 11.35 2.24 6.99
C VAL B 91 10.68 3.59 7.29
N LEU B 92 11.43 4.68 7.41
CA LEU B 92 10.87 6.00 7.86
C LEU B 92 9.87 6.53 6.81
N LEU B 93 10.18 6.36 5.53
CA LEU B 93 9.30 6.85 4.43
C LEU B 93 8.01 6.05 4.37
N LYS B 94 8.09 4.73 4.23
CA LYS B 94 6.92 3.83 4.22
C LYS B 94 6.02 4.11 5.43
N ALA B 95 6.61 4.28 6.62
CA ALA B 95 5.90 4.49 7.89
C ALA B 95 5.35 5.93 8.00
N GLY B 96 5.99 6.91 7.32
CA GLY B 96 5.80 8.36 7.60
C GLY B 96 5.28 9.19 6.43
N ALA B 97 5.44 8.74 5.18
CA ALA B 97 5.19 9.54 3.96
C ALA B 97 3.73 10.03 3.89
N MET B 98 2.76 9.19 4.27
CA MET B 98 1.32 9.58 4.21
C MET B 98 0.99 10.59 5.32
N GLU B 99 1.61 10.46 6.48
CA GLU B 99 1.42 11.39 7.63
C GLU B 99 1.91 12.79 7.23
N VAL B 100 3.00 12.86 6.46
CA VAL B 100 3.52 14.15 5.93
C VAL B 100 2.50 14.71 4.94
N VAL B 101 2.00 13.87 4.03
CA VAL B 101 0.99 14.29 3.01
C VAL B 101 -0.22 14.91 3.74
N LEU B 102 -0.71 14.27 4.80
CA LEU B 102 -1.89 14.73 5.57
C LEU B 102 -1.59 16.08 6.24
N VAL B 103 -0.38 16.25 6.76
CA VAL B 103 0.07 17.50 7.42
C VAL B 103 0.15 18.59 6.35
N ARG B 104 0.73 18.29 5.18
CA ARG B 104 0.87 19.26 4.07
C ARG B 104 -0.52 19.69 3.55
N MET B 105 -1.58 18.94 3.84
CA MET B 105 -2.95 19.23 3.33
C MET B 105 -3.53 20.48 4.02
N CYS B 106 -3.10 20.84 5.23
CA CYS B 106 -3.64 22.01 5.98
C CYS B 106 -3.35 23.32 5.21
N ARG B 107 -2.30 23.38 4.38
CA ARG B 107 -1.99 24.54 3.49
C ARG B 107 -3.09 24.72 2.40
N ALA B 108 -3.60 23.63 1.87
CA ALA B 108 -4.58 23.65 0.76
C ALA B 108 -6.00 23.67 1.36
N TYR B 109 -6.09 23.82 2.68
CA TYR B 109 -7.38 23.89 3.39
C TYR B 109 -7.68 25.34 3.73
N ASN B 110 -8.91 25.77 3.49
CA ASN B 110 -9.47 27.12 3.77
C ASN B 110 -10.52 26.96 4.86
N ALA B 111 -10.18 27.35 6.08
CA ALA B 111 -11.00 27.18 7.31
C ALA B 111 -12.17 28.18 7.34
N ASP B 112 -12.17 29.21 6.48
CA ASP B 112 -13.24 30.26 6.44
C ASP B 112 -14.56 29.64 5.92
N ASN B 113 -14.48 28.61 5.08
CA ASN B 113 -15.65 27.97 4.41
C ASN B 113 -15.49 26.44 4.41
N ARG B 114 -14.54 25.90 5.18
CA ARG B 114 -14.25 24.45 5.28
C ARG B 114 -14.19 23.82 3.90
N THR B 115 -13.35 24.34 3.02
CA THR B 115 -13.11 23.70 1.70
C THR B 115 -11.65 23.26 1.60
N VAL B 116 -11.37 22.29 0.75
CA VAL B 116 -9.97 21.85 0.50
C VAL B 116 -9.70 21.93 -1.00
N PHE B 117 -8.47 22.23 -1.38
CA PHE B 117 -8.05 22.29 -2.79
C PHE B 117 -8.06 20.86 -3.33
N PHE B 118 -8.80 20.64 -4.42
CA PHE B 118 -8.93 19.32 -5.08
C PHE B 118 -9.19 19.50 -6.56
N GLU B 119 -8.27 19.03 -7.40
CA GLU B 119 -8.41 19.00 -8.86
C GLU B 119 -8.80 20.40 -9.36
N GLY B 120 -7.98 21.39 -9.05
CA GLY B 120 -8.05 22.73 -9.67
C GLY B 120 -8.91 23.72 -8.88
N LYS B 121 -9.74 23.27 -7.93
CA LYS B 121 -10.75 24.13 -7.26
C LYS B 121 -11.00 23.66 -5.82
N TYR B 122 -11.64 24.51 -5.01
CA TYR B 122 -11.96 24.22 -3.59
C TYR B 122 -13.33 23.56 -3.50
N GLY B 123 -13.46 22.50 -2.70
CA GLY B 123 -14.74 21.86 -2.41
C GLY B 123 -14.82 21.44 -0.94
N GLY B 124 -16.01 21.12 -0.46
CA GLY B 124 -16.28 20.73 0.94
C GLY B 124 -16.19 19.22 1.07
N MET B 125 -16.46 18.67 2.25
CA MET B 125 -16.33 17.21 2.45
C MET B 125 -17.38 16.46 1.61
N GLU B 126 -18.54 17.07 1.32
CA GLU B 126 -19.63 16.40 0.55
C GLU B 126 -19.13 16.01 -0.85
N LEU B 127 -18.11 16.69 -1.38
CA LEU B 127 -17.55 16.34 -2.72
C LEU B 127 -17.10 14.87 -2.77
N PHE B 128 -16.75 14.26 -1.63
CA PHE B 128 -16.00 12.97 -1.54
C PHE B 128 -16.93 11.80 -1.14
N ARG B 129 -18.25 11.97 -1.33
CA ARG B 129 -19.30 11.07 -0.80
C ARG B 129 -19.23 9.70 -1.49
N ALA B 130 -18.78 9.66 -2.74
CA ALA B 130 -18.72 8.44 -3.57
C ALA B 130 -17.71 7.43 -2.98
N LEU B 131 -16.68 7.90 -2.26
CA LEU B 131 -15.68 7.03 -1.56
C LEU B 131 -16.40 6.13 -0.54
N GLY B 132 -17.56 6.53 -0.01
CA GLY B 132 -18.32 5.70 0.93
C GLY B 132 -17.65 5.61 2.28
N CYS B 133 -16.73 6.55 2.57
CA CYS B 133 -15.95 6.62 3.82
C CYS B 133 -16.16 8.00 4.47
N SER B 134 -17.38 8.26 4.93
CA SER B 134 -17.83 9.59 5.41
C SER B 134 -17.08 9.95 6.70
N GLU B 135 -16.88 9.00 7.61
CA GLU B 135 -16.22 9.24 8.92
C GLU B 135 -14.74 9.60 8.71
N LEU B 136 -14.07 8.87 7.82
CA LEU B 136 -12.67 9.12 7.39
C LEU B 136 -12.56 10.54 6.84
N ILE B 137 -13.37 10.90 5.84
CA ILE B 137 -13.26 12.24 5.16
C ILE B 137 -13.54 13.31 6.21
N SER B 138 -14.48 13.06 7.11
CA SER B 138 -14.84 13.94 8.24
C SER B 138 -13.60 14.18 9.11
N SER B 139 -12.90 13.10 9.43
CA SER B 139 -11.68 13.09 10.29
C SER B 139 -10.56 13.86 9.60
N ILE B 140 -10.46 13.77 8.27
CA ILE B 140 -9.42 14.47 7.44
C ILE B 140 -9.73 15.96 7.45
N PHE B 141 -10.99 16.37 7.26
CA PHE B 141 -11.45 17.78 7.32
C PHE B 141 -11.25 18.34 8.73
N ASP B 142 -11.71 17.63 9.75
CA ASP B 142 -11.61 18.09 11.17
C ASP B 142 -10.15 18.24 11.59
N PHE B 143 -9.26 17.37 11.11
CA PHE B 143 -7.81 17.36 11.40
C PHE B 143 -7.12 18.57 10.72
N SER B 144 -7.38 18.74 9.43
CA SER B 144 -6.87 19.90 8.66
C SER B 144 -7.36 21.21 9.30
N HIS B 145 -8.56 21.22 9.85
CA HIS B 145 -9.21 22.45 10.39
C HIS B 145 -8.42 22.88 11.63
N SER B 146 -8.07 21.93 12.49
CA SER B 146 -7.30 22.12 13.75
C SER B 146 -5.88 22.59 13.41
N LEU B 147 -5.17 21.85 12.56
CA LEU B 147 -3.81 22.20 12.11
C LEU B 147 -3.79 23.61 11.49
N SER B 148 -4.80 23.95 10.68
CA SER B 148 -4.93 25.23 9.94
C SER B 148 -4.95 26.38 10.95
N ALA B 149 -5.44 26.12 12.17
CA ALA B 149 -5.61 27.10 13.27
C ALA B 149 -4.25 27.53 13.84
N LEU B 150 -3.19 26.72 13.66
CA LEU B 150 -1.82 27.05 14.13
C LEU B 150 -1.19 28.13 13.23
N HIS B 151 -1.83 28.46 12.10
CA HIS B 151 -1.24 29.37 11.08
C HIS B 151 0.27 29.14 11.02
N PHE B 152 0.72 27.91 10.75
CA PHE B 152 2.14 27.59 10.51
C PHE B 152 2.73 28.55 9.47
N SER B 153 3.88 29.15 9.77
CA SER B 153 4.81 29.68 8.74
C SER B 153 5.28 28.50 7.88
N GLU B 154 5.93 28.78 6.76
CA GLU B 154 6.45 27.72 5.88
C GLU B 154 7.60 27.02 6.62
N ASP B 155 8.40 27.76 7.37
CA ASP B 155 9.56 27.24 8.12
C ASP B 155 9.08 26.29 9.23
N GLU B 156 8.02 26.65 9.97
CA GLU B 156 7.46 25.79 11.05
C GLU B 156 7.03 24.44 10.47
N ILE B 157 6.28 24.42 9.37
CA ILE B 157 5.73 23.17 8.79
C ILE B 157 6.88 22.36 8.19
N ALA B 158 7.91 23.01 7.65
CA ALA B 158 9.12 22.31 7.17
C ALA B 158 9.66 21.49 8.34
N LEU B 159 9.76 22.11 9.51
CA LEU B 159 10.45 21.51 10.68
C LEU B 159 9.51 20.53 11.39
N TYR B 160 8.20 20.71 11.31
CA TYR B 160 7.26 19.71 11.86
C TYR B 160 7.25 18.47 10.96
N THR B 161 7.26 18.62 9.64
CA THR B 161 7.11 17.49 8.70
C THR B 161 8.40 16.66 8.74
N ALA B 162 9.54 17.32 8.99
CA ALA B 162 10.84 16.64 9.16
C ALA B 162 10.80 15.75 10.40
N LEU B 163 10.19 16.21 11.49
CA LEU B 163 10.09 15.40 12.73
C LEU B 163 8.98 14.35 12.63
N VAL B 164 7.99 14.51 11.76
CA VAL B 164 6.96 13.47 11.48
C VAL B 164 7.67 12.30 10.80
N LEU B 165 8.57 12.63 9.88
CA LEU B 165 9.35 11.65 9.09
C LEU B 165 10.46 11.01 9.94
N ILE B 166 11.36 11.79 10.53
CA ILE B 166 12.53 11.26 11.29
C ILE B 166 12.05 10.93 12.71
N ASN B 167 11.58 9.70 12.88
CA ASN B 167 10.98 9.16 14.11
C ASN B 167 11.69 7.85 14.48
N ALA B 168 12.40 7.79 15.61
CA ALA B 168 13.27 6.65 15.98
C ALA B 168 12.46 5.52 16.64
N HIS B 169 11.17 5.73 16.96
CA HIS B 169 10.23 4.69 17.45
C HIS B 169 9.51 3.96 16.30
N ARG B 170 9.87 4.16 15.03
CA ARG B 170 9.32 3.31 13.94
C ARG B 170 9.87 1.89 14.11
N PRO B 171 9.02 0.84 14.18
CA PRO B 171 9.51 -0.54 14.16
C PRO B 171 10.32 -0.83 12.88
N GLY B 172 11.37 -1.64 12.99
CA GLY B 172 12.12 -2.20 11.84
C GLY B 172 13.38 -1.40 11.48
N LEU B 173 13.75 -0.40 12.27
CA LEU B 173 15.00 0.38 12.03
C LEU B 173 16.23 -0.46 12.40
N GLN B 174 17.26 -0.44 11.55
CA GLN B 174 18.54 -1.20 11.73
C GLN B 174 19.53 -0.40 12.58
N GLU B 175 19.49 0.95 12.50
CA GLU B 175 20.46 1.84 13.18
C GLU B 175 19.68 2.83 14.04
N LYS B 176 18.96 2.31 15.04
CA LYS B 176 18.15 3.14 15.97
C LYS B 176 18.94 4.39 16.42
N ARG B 177 20.18 4.23 16.90
CA ARG B 177 20.95 5.33 17.54
C ARG B 177 21.27 6.45 16.54
N LYS B 178 21.47 6.13 15.26
CA LYS B 178 21.84 7.15 14.25
C LYS B 178 20.60 8.01 13.92
N VAL B 179 19.45 7.36 13.78
CA VAL B 179 18.14 8.02 13.51
C VAL B 179 17.80 8.94 14.69
N GLU B 180 18.03 8.46 15.92
CA GLU B 180 17.80 9.22 17.17
C GLU B 180 18.66 10.50 17.16
N GLN B 181 19.88 10.40 16.62
CA GLN B 181 20.81 11.56 16.50
C GLN B 181 20.17 12.59 15.56
N LEU B 182 19.73 12.16 14.37
CA LEU B 182 19.10 13.08 13.39
C LEU B 182 17.84 13.70 14.01
N GLN B 183 17.02 12.86 14.63
CA GLN B 183 15.82 13.30 15.36
C GLN B 183 16.23 14.39 16.34
N TYR B 184 17.18 14.10 17.21
CA TYR B 184 17.64 15.04 18.27
C TYR B 184 17.97 16.40 17.64
N ASN B 185 18.87 16.40 16.64
CA ASN B 185 19.30 17.62 15.93
C ASN B 185 18.06 18.40 15.48
N LEU B 186 17.12 17.74 14.79
CA LEU B 186 15.88 18.39 14.28
C LEU B 186 15.05 18.96 15.44
N GLU B 187 14.95 18.26 16.57
CA GLU B 187 14.14 18.75 17.71
C GLU B 187 14.72 20.04 18.28
N LEU B 188 16.05 20.10 18.48
CA LEU B 188 16.78 21.31 18.94
C LEU B 188 16.53 22.45 17.94
N ALA B 189 16.64 22.16 16.64
CA ALA B 189 16.39 23.15 15.57
C ALA B 189 14.97 23.70 15.74
N PHE B 190 13.98 22.82 15.66
CA PHE B 190 12.55 23.14 15.83
C PHE B 190 12.35 23.96 17.10
N HIS B 191 12.86 23.49 18.24
CA HIS B 191 12.60 24.12 19.56
C HIS B 191 13.32 25.47 19.63
N HIS B 192 14.47 25.60 18.97
CA HIS B 192 15.21 26.89 18.93
C HIS B 192 14.40 27.91 18.11
N HIS B 193 13.90 27.52 16.94
CA HIS B 193 13.04 28.42 16.12
C HIS B 193 11.83 28.89 16.93
N LEU B 194 11.11 27.96 17.56
CA LEU B 194 9.86 28.31 18.27
C LEU B 194 10.15 29.30 19.39
N CYS B 195 11.17 29.02 20.20
CA CYS B 195 11.56 29.80 21.41
CA CYS B 195 11.53 29.82 21.41
C CYS B 195 11.93 31.23 20.98
N LYS B 196 12.72 31.34 19.92
CA LYS B 196 13.19 32.59 19.31
C LYS B 196 12.00 33.46 18.91
N THR B 197 10.99 32.88 18.25
CA THR B 197 9.82 33.61 17.68
C THR B 197 8.64 33.59 18.65
N HIS B 198 8.86 33.13 19.89
CA HIS B 198 7.85 33.04 20.98
C HIS B 198 6.64 32.24 20.47
N ARG B 199 6.88 31.09 19.82
CA ARG B 199 5.83 30.19 19.26
C ARG B 199 5.80 28.84 19.98
N GLN B 200 6.47 28.71 21.13
CA GLN B 200 6.64 27.40 21.83
C GLN B 200 5.26 26.87 22.21
N SER B 201 4.28 27.75 22.39
CA SER B 201 2.89 27.39 22.79
C SER B 201 2.19 26.51 21.74
N ILE B 202 2.66 26.48 20.49
CA ILE B 202 2.04 25.60 19.45
C ILE B 202 2.37 24.11 19.72
N LEU B 203 3.44 23.78 20.43
CA LEU B 203 3.86 22.37 20.67
C LEU B 203 2.73 21.55 21.33
N ALA B 204 2.11 22.06 22.41
CA ALA B 204 1.03 21.38 23.15
C ALA B 204 -0.18 21.17 22.24
N LYS B 205 -0.38 22.05 21.26
CA LYS B 205 -1.52 22.00 20.29
C LYS B 205 -1.20 21.07 19.10
N LEU B 206 0.03 20.56 18.97
CA LEU B 206 0.37 19.65 17.85
C LEU B 206 -0.28 18.31 18.16
N PRO B 207 -0.65 17.52 17.12
CA PRO B 207 -1.35 16.25 17.34
C PRO B 207 -0.39 15.16 17.83
N PRO B 208 -0.75 14.40 18.90
CA PRO B 208 0.17 13.42 19.50
C PRO B 208 0.54 12.31 18.50
N LYS B 209 1.82 11.92 18.49
CA LYS B 209 2.32 10.78 17.67
C LYS B 209 1.36 9.63 17.93
N GLY B 210 0.59 9.22 16.91
CA GLY B 210 -0.47 8.21 17.04
C GLY B 210 -1.74 8.65 16.34
N LYS B 211 -2.17 9.91 16.56
CA LYS B 211 -3.33 10.52 15.88
C LYS B 211 -3.13 10.46 14.37
N LEU B 212 -1.96 10.90 13.88
CA LEU B 212 -1.57 10.97 12.43
C LEU B 212 -1.61 9.57 11.78
N ARG B 213 -1.24 8.53 12.52
CA ARG B 213 -1.26 7.12 12.01
C ARG B 213 -2.72 6.61 12.04
N SER B 214 -3.45 6.80 13.15
CA SER B 214 -4.79 6.23 13.41
C SER B 214 -5.86 6.85 12.48
N LEU B 215 -5.58 8.02 11.90
CA LEU B 215 -6.51 8.80 11.02
C LEU B 215 -6.68 8.10 9.66
N CYS B 216 -5.70 7.32 9.21
CA CYS B 216 -5.68 6.69 7.85
C CYS B 216 -5.64 5.14 7.94
N SER B 217 -5.10 4.58 9.03
CA SER B 217 -5.20 3.14 9.40
C SER B 217 -6.62 2.64 9.17
N GLN B 218 -6.79 1.43 8.64
CA GLN B 218 -8.12 0.79 8.45
C GLN B 218 -8.53 0.91 6.97
N HIS B 219 -8.43 2.12 6.41
CA HIS B 219 -8.78 2.43 5.01
C HIS B 219 -7.50 2.58 4.16
N VAL B 220 -6.35 2.88 4.77
CA VAL B 220 -5.11 3.12 3.97
C VAL B 220 -4.81 1.85 3.18
N GLU B 221 -5.05 0.68 3.77
CA GLU B 221 -4.82 -0.68 3.20
C GLU B 221 -5.44 -0.79 1.79
N ARG B 222 -6.54 -0.07 1.58
CA ARG B 222 -7.40 -0.05 0.37
C ARG B 222 -6.64 0.45 -0.88
N LEU B 223 -5.63 1.32 -0.74
CA LEU B 223 -5.06 2.12 -1.87
C LEU B 223 -4.25 1.29 -2.86
N GLN B 224 -3.63 0.17 -2.45
CA GLN B 224 -2.61 -0.53 -3.30
C GLN B 224 -3.25 -1.24 -4.51
N ILE B 225 -4.55 -1.57 -4.48
CA ILE B 225 -5.27 -2.17 -5.66
C ILE B 225 -5.56 -1.12 -6.75
N PHE B 226 -5.41 0.18 -6.49
CA PHE B 226 -5.74 1.25 -7.47
C PHE B 226 -4.48 1.62 -8.27
N GLN B 227 -4.56 1.51 -9.61
CA GLN B 227 -3.48 1.76 -10.60
C GLN B 227 -3.92 1.23 -11.98
#